data_9DI9
#
_entry.id   9DI9
#
_cell.length_a   126.35
_cell.length_b   126.35
_cell.length_c   74.68
_cell.angle_alpha   90
_cell.angle_beta   90
_cell.angle_gamma   90
#
_symmetry.space_group_name_H-M   'P 42 21 2'
#
loop_
_entity.id
_entity.type
_entity.pdbx_description
1 polymer 'Branched-chain alpha-ketoacid dehydrogenase kinase'
2 non-polymer "ADENOSINE-5'-DIPHOSPHATE"
3 non-polymer 'MAGNESIUM ION'
4 non-polymer 'POTASSIUM ION'
5 non-polymer '(3M)-6-fluoro-3-(2,4,5-trifluoro-3-methoxyphenyl)-1-benzothiophene-2-carboxylic acid'
6 non-polymer 'PHOSPHATE ION'
7 water water
#
_entity_poly.entity_id   1
_entity_poly.type   'polypeptide(L)'
_entity_poly.pdbx_seq_one_letter_code
;STSATDTHHVELARERSKTVTSFYNQSAIDVVAEKPSVRLTPTMMLYSGRSQDGSHLLKSGRYLQQELPVRIAHRIKGFR
SLPFIIGCNPTILHVHELYIRAFQKLTDFPPIKDQADEAQYCQLVRQLLDDHKDVVTLLAEGLRESRKHIEDEKLVRYFL
DKTLTSRLGIRMLATHHLALHEDKPDFVGIICTRLSPKKIIEKWVDFARRLCEHKYGNAPRVRINGHVAARFPFIPMPLD
YILPELLKNAMRATMESHLDTPYNVPDVVITIANNDVDLIIRISDRGGGIAHKDLDRVMDYHFTTAEASTQDPRISPLFG
HLDMHSGGQSGPMHGFGFGLPTSRAYAEYLGGSLQLQSLQGIGTDVYLRLRHIDGREESFRIHHHHHH
;
_entity_poly.pdbx_strand_id   A
#
# COMPACT_ATOMS: atom_id res chain seq x y z
N SER A 27 -28.77 3.60 9.03
CA SER A 27 -29.46 3.00 7.88
C SER A 27 -28.95 3.53 6.53
N ALA A 28 -28.32 4.72 6.54
CA ALA A 28 -27.78 5.36 5.33
C ALA A 28 -26.65 4.51 4.71
N ILE A 29 -25.90 3.76 5.54
CA ILE A 29 -24.80 2.90 5.08
C ILE A 29 -25.35 1.79 4.18
N ASP A 30 -26.46 1.13 4.59
CA ASP A 30 -27.04 0.06 3.78
C ASP A 30 -27.56 0.56 2.43
N VAL A 31 -28.08 1.79 2.40
CA VAL A 31 -28.59 2.39 1.17
C VAL A 31 -27.46 2.73 0.20
N VAL A 32 -26.42 3.43 0.69
CA VAL A 32 -25.27 3.82 -0.12
C VAL A 32 -24.43 2.60 -0.55
N ALA A 33 -24.34 1.54 0.27
CA ALA A 33 -23.59 0.32 -0.12
C ALA A 33 -24.24 -0.47 -1.26
N GLU A 34 -25.53 -0.22 -1.53
CA GLU A 34 -26.22 -0.88 -2.65
C GLU A 34 -25.94 -0.22 -4.02
N LYS A 35 -25.23 0.93 -4.03
CA LYS A 35 -24.88 1.61 -5.26
C LYS A 35 -23.69 0.91 -5.93
N PRO A 36 -23.58 1.02 -7.27
CA PRO A 36 -22.52 0.30 -7.99
C PRO A 36 -21.10 0.63 -7.49
N SER A 37 -20.40 1.62 -8.11
CA SER A 37 -19.02 2.08 -7.85
C SER A 37 -18.33 2.33 -9.20
N VAL A 38 -18.19 3.60 -9.62
CA VAL A 38 -17.51 3.92 -10.87
C VAL A 38 -16.00 3.89 -10.65
N ARG A 39 -15.33 2.84 -11.14
CA ARG A 39 -13.89 2.71 -10.98
C ARG A 39 -13.11 3.59 -11.95
N LEU A 40 -12.05 4.25 -11.44
CA LEU A 40 -11.22 5.12 -12.25
C LEU A 40 -9.91 4.43 -12.59
N THR A 41 -9.63 4.27 -13.87
CA THR A 41 -8.42 3.61 -14.32
C THR A 41 -7.29 4.66 -14.46
N PRO A 42 -6.02 4.29 -14.17
CA PRO A 42 -4.93 5.28 -14.24
C PRO A 42 -4.78 6.00 -15.58
N THR A 43 -5.30 5.40 -16.67
CA THR A 43 -5.28 6.01 -17.99
C THR A 43 -6.33 7.14 -18.06
N MET A 44 -7.51 6.92 -17.44
CA MET A 44 -8.56 7.94 -17.36
C MET A 44 -8.04 9.11 -16.52
N MET A 45 -7.29 8.82 -15.43
CA MET A 45 -6.70 9.82 -14.54
C MET A 45 -5.69 10.70 -15.28
N LEU A 46 -4.90 10.10 -16.19
CA LEU A 46 -3.91 10.80 -17.00
C LEU A 46 -4.59 11.81 -17.94
N TYR A 47 -5.75 11.44 -18.52
CA TYR A 47 -6.48 12.33 -19.42
C TYR A 47 -7.57 13.11 -18.69
N ASP A 53 -8.28 27.15 -16.47
CA ASP A 53 -9.60 27.60 -16.02
C ASP A 53 -9.99 27.00 -14.65
N GLY A 54 -9.69 25.73 -14.44
CA GLY A 54 -10.02 25.03 -13.19
C GLY A 54 -11.34 24.29 -13.21
N SER A 55 -11.93 24.09 -14.39
CA SER A 55 -13.19 23.37 -14.56
C SER A 55 -13.02 21.86 -14.24
N HIS A 56 -11.85 21.30 -14.58
CA HIS A 56 -11.52 19.90 -14.33
C HIS A 56 -11.47 19.57 -12.82
N LEU A 57 -11.15 20.57 -11.99
CA LEU A 57 -11.09 20.48 -10.53
C LEU A 57 -12.50 20.26 -9.97
N LEU A 58 -13.51 20.93 -10.55
CA LEU A 58 -14.90 20.79 -10.12
C LEU A 58 -15.47 19.44 -10.52
N LYS A 59 -15.11 18.96 -11.72
CA LYS A 59 -15.56 17.66 -12.19
C LYS A 59 -14.91 16.54 -11.32
N SER A 60 -13.63 16.72 -10.94
CA SER A 60 -12.90 15.78 -10.10
C SER A 60 -13.49 15.76 -8.69
N GLY A 61 -13.79 16.95 -8.15
CA GLY A 61 -14.38 17.11 -6.83
C GLY A 61 -15.73 16.44 -6.74
N ARG A 62 -16.57 16.62 -7.77
CA ARG A 62 -17.90 16.01 -7.84
C ARG A 62 -17.81 14.49 -7.98
N TYR A 63 -16.80 13.98 -8.68
CA TYR A 63 -16.61 12.54 -8.83
C TYR A 63 -16.32 11.94 -7.46
N LEU A 64 -15.40 12.55 -6.69
CA LEU A 64 -15.01 12.11 -5.34
C LEU A 64 -16.19 12.15 -4.38
N GLN A 65 -17.01 13.19 -4.51
CA GLN A 65 -18.19 13.40 -3.69
C GLN A 65 -19.18 12.27 -3.84
N GLN A 66 -19.32 11.72 -5.04
CA GLN A 66 -20.24 10.63 -5.29
C GLN A 66 -19.59 9.26 -5.07
N GLU A 67 -18.31 9.12 -5.40
CA GLU A 67 -17.58 7.87 -5.29
C GLU A 67 -17.12 7.47 -3.87
N LEU A 68 -16.51 8.40 -3.12
CA LEU A 68 -15.99 8.06 -1.79
C LEU A 68 -17.02 7.47 -0.84
N PRO A 69 -18.24 8.03 -0.65
CA PRO A 69 -19.19 7.42 0.29
C PRO A 69 -19.61 6.01 -0.08
N VAL A 70 -19.70 5.69 -1.38
CA VAL A 70 -20.04 4.36 -1.87
C VAL A 70 -18.97 3.36 -1.46
N ARG A 71 -17.70 3.68 -1.69
CA ARG A 71 -16.59 2.81 -1.30
C ARG A 71 -16.50 2.67 0.22
N ILE A 72 -16.74 3.76 0.93
CA ILE A 72 -16.70 3.75 2.39
C ILE A 72 -17.86 2.89 2.96
N ALA A 73 -19.08 3.00 2.42
CA ALA A 73 -20.21 2.20 2.88
C ALA A 73 -19.98 0.71 2.71
N HIS A 74 -19.31 0.27 1.62
CA HIS A 74 -18.98 -1.15 1.46
C HIS A 74 -18.03 -1.59 2.57
N ARG A 75 -17.01 -0.75 2.90
CA ARG A 75 -16.05 -1.06 3.96
C ARG A 75 -16.67 -1.08 5.35
N ILE A 76 -17.64 -0.19 5.61
CA ILE A 76 -18.35 -0.20 6.89
C ILE A 76 -19.19 -1.47 7.01
N LYS A 77 -19.79 -1.93 5.91
CA LYS A 77 -20.55 -3.19 5.87
C LYS A 77 -19.60 -4.38 6.21
N GLY A 78 -18.36 -4.32 5.71
CA GLY A 78 -17.32 -5.29 6.03
C GLY A 78 -17.00 -5.35 7.51
N PHE A 79 -17.01 -4.20 8.22
CA PHE A 79 -16.79 -4.13 9.68
C PHE A 79 -17.97 -4.73 10.44
N ARG A 80 -19.19 -4.48 9.95
CA ARG A 80 -20.41 -5.05 10.56
C ARG A 80 -20.46 -6.59 10.44
N SER A 81 -19.77 -7.14 9.43
CA SER A 81 -19.73 -8.56 9.16
C SER A 81 -18.59 -9.31 9.82
N LEU A 82 -17.61 -8.60 10.39
CA LEU A 82 -16.44 -9.20 11.08
C LEU A 82 -16.89 -10.16 12.18
N PRO A 83 -16.14 -11.23 12.48
CA PRO A 83 -16.52 -12.09 13.62
C PRO A 83 -16.69 -11.30 14.92
N PHE A 84 -17.76 -11.58 15.66
CA PHE A 84 -18.16 -10.87 16.85
C PHE A 84 -17.04 -10.53 17.83
N ILE A 85 -16.23 -11.53 18.20
CA ILE A 85 -15.15 -11.32 19.15
C ILE A 85 -14.12 -10.32 18.62
N ILE A 86 -13.94 -10.24 17.28
CA ILE A 86 -13.03 -9.27 16.65
C ILE A 86 -13.67 -7.87 16.62
N GLY A 87 -14.93 -7.78 16.22
CA GLY A 87 -15.64 -6.51 16.15
C GLY A 87 -15.74 -5.81 17.49
N CYS A 88 -15.78 -6.60 18.59
CA CYS A 88 -15.83 -6.11 19.97
C CYS A 88 -14.48 -5.60 20.47
N ASN A 89 -13.36 -5.89 19.79
CA ASN A 89 -12.06 -5.41 20.25
C ASN A 89 -12.04 -3.87 20.29
N PRO A 90 -11.55 -3.26 21.39
CA PRO A 90 -11.56 -1.79 21.49
C PRO A 90 -10.88 -1.06 20.33
N THR A 91 -9.80 -1.62 19.81
CA THR A 91 -9.07 -0.97 18.70
C THR A 91 -9.84 -1.10 17.38
N ILE A 92 -10.42 -2.27 17.12
CA ILE A 92 -11.24 -2.49 15.94
C ILE A 92 -12.47 -1.56 15.99
N LEU A 93 -13.11 -1.45 17.17
CA LEU A 93 -14.27 -0.55 17.36
C LEU A 93 -13.87 0.90 17.07
N HIS A 94 -12.68 1.32 17.51
CA HIS A 94 -12.18 2.67 17.28
C HIS A 94 -12.07 2.96 15.76
N VAL A 95 -11.43 2.05 14.98
CA VAL A 95 -11.31 2.21 13.53
C VAL A 95 -12.72 2.21 12.88
N HIS A 96 -13.62 1.33 13.35
CA HIS A 96 -15.00 1.28 12.89
C HIS A 96 -15.69 2.66 13.13
N GLU A 97 -15.53 3.26 14.32
CA GLU A 97 -16.08 4.58 14.65
C GLU A 97 -15.47 5.67 13.76
N LEU A 98 -14.15 5.62 13.52
CA LEU A 98 -13.44 6.59 12.65
C LEU A 98 -14.06 6.56 11.25
N TYR A 99 -14.31 5.34 10.74
CA TYR A 99 -14.88 5.14 9.40
C TYR A 99 -16.33 5.60 9.30
N ILE A 100 -17.13 5.45 10.37
CA ILE A 100 -18.51 5.92 10.38
C ILE A 100 -18.47 7.47 10.37
N ARG A 101 -17.62 8.05 11.22
CA ARG A 101 -17.42 9.49 11.30
C ARG A 101 -16.96 10.07 9.94
N ALA A 102 -16.09 9.34 9.21
CA ALA A 102 -15.63 9.77 7.89
C ALA A 102 -16.80 9.77 6.91
N PHE A 103 -17.66 8.75 6.97
CA PHE A 103 -18.85 8.65 6.12
C PHE A 103 -19.81 9.81 6.42
N GLN A 104 -20.00 10.12 7.71
CA GLN A 104 -20.87 11.21 8.11
C GLN A 104 -20.36 12.56 7.57
N LYS A 105 -19.08 12.89 7.79
CA LYS A 105 -18.52 14.14 7.28
C LYS A 105 -18.63 14.27 5.76
N LEU A 106 -18.30 13.19 5.03
CA LEU A 106 -18.40 13.22 3.57
C LEU A 106 -19.86 13.36 3.10
N THR A 107 -20.81 12.63 3.72
CA THR A 107 -22.21 12.73 3.33
C THR A 107 -22.86 14.06 3.78
N ASP A 108 -22.31 14.71 4.82
CA ASP A 108 -22.82 16.01 5.26
C ASP A 108 -22.38 17.13 4.34
N PHE A 109 -21.26 16.98 3.61
CA PHE A 109 -20.75 18.02 2.72
C PHE A 109 -21.73 18.29 1.58
N PRO A 110 -22.17 19.54 1.43
CA PRO A 110 -23.14 19.86 0.37
C PRO A 110 -22.56 19.70 -1.03
N PRO A 111 -23.40 19.45 -2.05
CA PRO A 111 -22.89 19.33 -3.42
C PRO A 111 -21.97 20.49 -3.84
N ILE A 112 -20.84 20.17 -4.47
CA ILE A 112 -19.87 21.15 -4.92
C ILE A 112 -20.46 21.88 -6.14
N LYS A 113 -20.71 23.18 -5.99
CA LYS A 113 -21.28 23.97 -7.08
C LYS A 113 -20.22 24.89 -7.70
N ASP A 114 -19.26 25.38 -6.90
CA ASP A 114 -18.26 26.32 -7.38
C ASP A 114 -16.85 26.07 -6.81
N GLN A 115 -15.87 26.92 -7.18
CA GLN A 115 -14.49 26.86 -6.77
C GLN A 115 -14.30 26.96 -5.24
N ALA A 116 -15.09 27.82 -4.58
CA ALA A 116 -15.03 28.00 -3.12
C ALA A 116 -15.47 26.74 -2.36
N ASP A 117 -16.45 25.99 -2.91
CA ASP A 117 -16.95 24.75 -2.34
C ASP A 117 -15.87 23.67 -2.49
N GLU A 118 -15.26 23.60 -3.69
CA GLU A 118 -14.23 22.60 -3.97
C GLU A 118 -12.99 22.84 -3.10
N ALA A 119 -12.66 24.11 -2.80
CA ALA A 119 -11.52 24.42 -1.95
C ALA A 119 -11.74 23.92 -0.54
N GLN A 120 -12.97 24.07 -0.02
CA GLN A 120 -13.28 23.58 1.32
C GLN A 120 -13.34 22.06 1.38
N TYR A 121 -13.80 21.41 0.31
CA TYR A 121 -13.84 19.96 0.24
C TYR A 121 -12.41 19.40 0.28
N CYS A 122 -11.42 20.11 -0.30
CA CYS A 122 -10.01 19.75 -0.26
C CYS A 122 -9.52 19.69 1.19
N GLN A 123 -9.95 20.63 2.03
CA GLN A 123 -9.61 20.68 3.46
C GLN A 123 -10.13 19.44 4.21
N LEU A 124 -11.34 18.99 3.88
CA LEU A 124 -11.93 17.80 4.47
C LEU A 124 -11.10 16.58 4.03
N VAL A 125 -10.75 16.51 2.76
CA VAL A 125 -9.94 15.42 2.23
C VAL A 125 -8.56 15.35 2.91
N ARG A 126 -7.90 16.52 3.15
CA ARG A 126 -6.61 16.56 3.85
C ARG A 126 -6.77 16.05 5.28
N GLN A 127 -7.82 16.50 5.98
CA GLN A 127 -8.10 16.10 7.34
C GLN A 127 -8.32 14.57 7.42
N LEU A 128 -9.11 13.99 6.51
CA LEU A 128 -9.34 12.55 6.50
C LEU A 128 -8.08 11.75 6.20
N LEU A 129 -7.24 12.26 5.28
CA LEU A 129 -5.98 11.60 4.95
C LEU A 129 -5.08 11.55 6.19
N ASP A 130 -5.05 12.65 6.96
CA ASP A 130 -4.25 12.77 8.17
C ASP A 130 -4.83 11.97 9.35
N ASP A 131 -6.14 12.04 9.58
CA ASP A 131 -6.77 11.31 10.69
C ASP A 131 -6.64 9.81 10.56
N HIS A 132 -6.54 9.29 9.34
CA HIS A 132 -6.46 7.84 9.13
C HIS A 132 -5.08 7.33 8.68
N LYS A 133 -4.00 8.12 8.85
CA LYS A 133 -2.67 7.69 8.41
C LYS A 133 -2.15 6.43 9.14
N ASP A 134 -2.60 6.16 10.38
CA ASP A 134 -2.14 5.01 11.14
C ASP A 134 -3.09 3.83 11.18
N VAL A 135 -4.11 3.81 10.31
CA VAL A 135 -5.13 2.75 10.27
C VAL A 135 -4.53 1.33 10.17
N VAL A 136 -3.49 1.10 9.38
CA VAL A 136 -2.90 -0.24 9.25
C VAL A 136 -2.35 -0.76 10.58
N THR A 137 -1.71 0.12 11.35
CA THR A 137 -1.19 -0.22 12.66
C THR A 137 -2.32 -0.57 13.63
N LEU A 138 -3.39 0.24 13.63
CA LEU A 138 -4.53 -0.03 14.51
C LEU A 138 -5.18 -1.36 14.13
N LEU A 139 -5.38 -1.63 12.83
CA LEU A 139 -5.98 -2.89 12.40
C LEU A 139 -5.10 -4.08 12.77
N ALA A 140 -3.79 -3.94 12.57
CA ALA A 140 -2.85 -5.00 12.90
C ALA A 140 -2.90 -5.38 14.38
N GLU A 141 -2.92 -4.37 15.27
CA GLU A 141 -2.94 -4.62 16.69
C GLU A 141 -4.33 -5.05 17.22
N GLY A 142 -5.39 -4.51 16.66
CA GLY A 142 -6.74 -4.91 17.05
C GLY A 142 -7.06 -6.32 16.61
N LEU A 143 -6.38 -6.84 15.58
CA LEU A 143 -6.63 -8.19 15.09
C LEU A 143 -5.67 -9.25 15.63
N ARG A 144 -4.51 -8.85 16.17
CA ARG A 144 -3.44 -9.77 16.58
C ARG A 144 -3.86 -10.88 17.58
N GLU A 145 -4.51 -10.52 18.69
CA GLU A 145 -4.94 -11.54 19.65
C GLU A 145 -6.32 -12.07 19.35
N SER A 146 -7.29 -11.16 19.07
CA SER A 146 -8.69 -11.50 18.81
C SER A 146 -8.86 -12.54 17.67
N ARG A 147 -7.97 -12.49 16.69
CA ARG A 147 -7.83 -13.37 15.54
C ARG A 147 -7.78 -14.86 15.95
N LYS A 148 -7.20 -15.13 17.12
CA LYS A 148 -7.01 -16.50 17.61
C LYS A 148 -8.27 -17.14 18.17
N HIS A 149 -9.31 -16.36 18.45
CA HIS A 149 -10.54 -16.88 19.06
C HIS A 149 -11.67 -17.19 18.09
N ILE A 150 -11.39 -17.20 16.78
CA ILE A 150 -12.42 -17.47 15.78
C ILE A 150 -12.25 -18.85 15.15
N GLU A 151 -13.32 -19.37 14.54
CA GLU A 151 -13.28 -20.68 13.93
C GLU A 151 -12.60 -20.72 12.55
N ASP A 152 -12.73 -19.66 11.74
CA ASP A 152 -12.13 -19.63 10.40
C ASP A 152 -11.29 -18.37 10.24
N GLU A 153 -9.97 -18.50 10.43
CA GLU A 153 -9.04 -17.36 10.35
C GLU A 153 -8.92 -16.75 8.97
N LYS A 154 -9.32 -17.50 7.90
CA LYS A 154 -9.30 -17.00 6.52
C LYS A 154 -10.23 -15.80 6.33
N LEU A 155 -11.23 -15.58 7.23
CA LEU A 155 -12.07 -14.39 7.14
C LEU A 155 -11.18 -13.13 7.34
N VAL A 156 -10.15 -13.23 8.23
CA VAL A 156 -9.23 -12.15 8.53
C VAL A 156 -8.40 -11.81 7.29
N ARG A 157 -7.91 -12.82 6.55
CA ARG A 157 -7.17 -12.55 5.32
C ARG A 157 -8.06 -11.78 4.30
N TYR A 158 -9.31 -12.24 4.08
CA TYR A 158 -10.22 -11.60 3.15
C TYR A 158 -10.51 -10.17 3.58
N PHE A 159 -10.77 -9.96 4.89
CA PHE A 159 -11.09 -8.65 5.42
C PHE A 159 -9.91 -7.68 5.24
N LEU A 160 -8.70 -8.10 5.64
CA LEU A 160 -7.54 -7.22 5.54
C LEU A 160 -7.22 -6.93 4.07
N ASP A 161 -7.29 -7.95 3.19
CA ASP A 161 -7.06 -7.72 1.76
C ASP A 161 -8.06 -6.71 1.17
N LYS A 162 -9.35 -6.90 1.43
CA LYS A 162 -10.38 -5.98 0.95
C LYS A 162 -10.25 -4.55 1.53
N THR A 163 -10.08 -4.43 2.86
CA THR A 163 -9.98 -3.14 3.55
C THR A 163 -8.72 -2.35 3.15
N LEU A 164 -7.54 -3.00 3.18
CA LEU A 164 -6.27 -2.33 2.87
C LEU A 164 -6.15 -1.89 1.40
N THR A 165 -6.62 -2.70 0.46
CA THR A 165 -6.59 -2.32 -0.96
C THR A 165 -7.60 -1.23 -1.28
N SER A 166 -8.83 -1.28 -0.67
CA SER A 166 -9.81 -0.20 -0.85
C SER A 166 -9.23 1.08 -0.25
N ARG A 167 -8.56 0.98 0.92
CA ARG A 167 -7.91 2.11 1.56
C ARG A 167 -6.83 2.71 0.64
N LEU A 168 -6.03 1.86 -0.04
CA LEU A 168 -4.99 2.33 -0.97
C LEU A 168 -5.65 3.09 -2.13
N GLY A 169 -6.70 2.51 -2.72
CA GLY A 169 -7.44 3.12 -3.83
C GLY A 169 -8.07 4.45 -3.45
N ILE A 170 -8.63 4.53 -2.24
CA ILE A 170 -9.24 5.74 -1.72
C ILE A 170 -8.16 6.81 -1.50
N ARG A 171 -7.04 6.43 -0.88
CA ARG A 171 -5.96 7.38 -0.63
C ARG A 171 -5.35 7.89 -1.95
N MET A 172 -5.30 7.05 -2.99
CA MET A 172 -4.80 7.44 -4.32
C MET A 172 -5.79 8.45 -4.96
N LEU A 173 -7.12 8.18 -4.92
CA LEU A 173 -8.09 9.10 -5.48
C LEU A 173 -8.05 10.45 -4.76
N ALA A 174 -7.94 10.44 -3.42
CA ALA A 174 -7.90 11.64 -2.61
C ALA A 174 -6.60 12.45 -2.81
N THR A 175 -5.45 11.79 -2.84
CA THR A 175 -4.16 12.45 -3.03
C THR A 175 -4.05 13.02 -4.46
N HIS A 176 -4.55 12.28 -5.45
CA HIS A 176 -4.56 12.72 -6.84
C HIS A 176 -5.38 14.00 -6.98
N HIS A 177 -6.60 14.05 -6.41
CA HIS A 177 -7.42 15.25 -6.49
C HIS A 177 -6.71 16.48 -5.90
N LEU A 178 -6.10 16.31 -4.70
CA LEU A 178 -5.36 17.40 -4.06
C LEU A 178 -4.20 17.86 -4.93
N ALA A 179 -3.42 16.89 -5.48
CA ALA A 179 -2.25 17.20 -6.31
C ALA A 179 -2.61 17.81 -7.66
N LEU A 180 -3.88 17.73 -8.10
CA LEU A 180 -4.33 18.45 -9.30
C LEU A 180 -4.29 19.99 -9.03
N HIS A 181 -4.25 20.44 -7.76
CA HIS A 181 -4.13 21.85 -7.40
C HIS A 181 -2.65 22.33 -7.40
N GLU A 182 -1.66 21.42 -7.56
CA GLU A 182 -0.24 21.76 -7.60
C GLU A 182 0.24 21.88 -9.06
N ASP A 183 1.34 22.63 -9.27
CA ASP A 183 1.96 22.78 -10.58
C ASP A 183 3.37 22.21 -10.47
N LYS A 184 3.44 20.91 -10.29
CA LYS A 184 4.71 20.22 -10.14
C LYS A 184 5.16 19.70 -11.49
N PRO A 185 6.40 20.01 -11.90
CA PRO A 185 6.90 19.48 -13.18
C PRO A 185 6.96 17.95 -13.20
N ASP A 186 6.64 17.36 -14.35
CA ASP A 186 6.62 15.91 -14.56
C ASP A 186 5.49 15.21 -13.83
N PHE A 187 4.42 15.94 -13.44
CA PHE A 187 3.32 15.34 -12.71
C PHE A 187 1.98 15.80 -13.20
N VAL A 188 1.01 14.88 -13.23
CA VAL A 188 -0.39 15.14 -13.50
C VAL A 188 -1.11 14.52 -12.30
N GLY A 189 -1.29 15.31 -11.26
CA GLY A 189 -1.88 14.85 -10.00
C GLY A 189 -0.81 14.01 -9.32
N ILE A 190 -1.11 12.74 -9.01
CA ILE A 190 -0.10 11.86 -8.46
C ILE A 190 0.61 11.01 -9.53
N ILE A 191 0.25 11.17 -10.82
CA ILE A 191 0.89 10.40 -11.87
C ILE A 191 2.15 11.12 -12.33
N CYS A 192 3.31 10.49 -12.13
CA CYS A 192 4.56 11.05 -12.61
C CYS A 192 4.65 10.66 -14.09
N THR A 193 4.78 11.62 -15.00
CA THR A 193 4.85 11.32 -16.44
C THR A 193 6.20 10.75 -16.91
N ARG A 194 7.25 10.85 -16.09
CA ARG A 194 8.59 10.39 -16.46
C ARG A 194 9.23 9.63 -15.29
N LEU A 195 8.46 8.74 -14.63
CA LEU A 195 8.96 8.02 -13.48
C LEU A 195 10.17 7.17 -13.79
N SER A 196 11.19 7.31 -12.96
CA SER A 196 12.40 6.51 -13.08
C SER A 196 12.41 5.45 -11.99
N PRO A 197 12.22 4.16 -12.33
CA PRO A 197 12.25 3.13 -11.28
C PRO A 197 13.59 3.09 -10.54
N LYS A 198 14.72 3.37 -11.20
CA LYS A 198 16.02 3.38 -10.51
C LYS A 198 16.04 4.43 -9.38
N LYS A 199 15.58 5.67 -9.64
CA LYS A 199 15.57 6.75 -8.65
C LYS A 199 14.64 6.47 -7.48
N ILE A 200 13.45 5.89 -7.74
CA ILE A 200 12.55 5.56 -6.64
C ILE A 200 13.11 4.39 -5.81
N ILE A 201 13.80 3.44 -6.46
CA ILE A 201 14.44 2.35 -5.75
C ILE A 201 15.56 2.90 -4.86
N GLU A 202 16.38 3.80 -5.39
CA GLU A 202 17.47 4.42 -4.64
C GLU A 202 16.98 5.18 -3.44
N LYS A 203 15.86 5.88 -3.59
CA LYS A 203 15.27 6.65 -2.50
C LYS A 203 14.93 5.72 -1.30
N TRP A 204 14.35 4.55 -1.60
CA TRP A 204 13.98 3.61 -0.55
C TRP A 204 15.14 2.73 -0.08
N VAL A 205 16.19 2.55 -0.89
CA VAL A 205 17.40 1.86 -0.46
C VAL A 205 18.08 2.73 0.62
N ASP A 206 18.22 4.05 0.39
CA ASP A 206 18.85 4.95 1.38
C ASP A 206 18.07 4.93 2.71
N PHE A 207 16.74 4.91 2.63
CA PHE A 207 15.90 4.86 3.82
C PHE A 207 16.07 3.53 4.58
N ALA A 208 16.02 2.39 3.86
CA ALA A 208 16.16 1.08 4.49
C ALA A 208 17.58 0.87 5.04
N ARG A 209 18.61 1.28 4.32
CA ARG A 209 20.00 1.15 4.79
C ARG A 209 20.21 1.88 6.10
N ARG A 210 19.59 3.08 6.27
CA ARG A 210 19.71 3.83 7.50
C ARG A 210 19.03 3.12 8.68
N LEU A 211 17.80 2.57 8.48
CA LEU A 211 17.12 1.84 9.55
C LEU A 211 17.93 0.63 9.99
N CYS A 212 18.46 -0.12 9.01
CA CYS A 212 19.27 -1.31 9.20
C CYS A 212 20.62 -1.00 9.90
N GLU A 213 21.32 0.07 9.49
CA GLU A 213 22.59 0.48 10.11
C GLU A 213 22.35 0.87 11.58
N HIS A 214 21.22 1.47 11.89
CA HIS A 214 20.87 1.86 13.26
C HIS A 214 20.72 0.66 14.20
N LYS A 215 20.21 -0.47 13.69
CA LYS A 215 19.99 -1.67 14.49
C LYS A 215 21.19 -2.64 14.50
N TYR A 216 21.87 -2.79 13.37
CA TYR A 216 22.96 -3.75 13.25
C TYR A 216 24.37 -3.20 13.15
N GLY A 217 24.52 -1.89 12.97
CA GLY A 217 25.84 -1.30 12.83
C GLY A 217 26.35 -1.25 11.40
N ASN A 218 25.67 -1.93 10.48
CA ASN A 218 25.97 -1.97 9.04
C ASN A 218 24.71 -2.38 8.28
N ALA A 219 24.75 -2.25 6.96
CA ALA A 219 23.65 -2.61 6.06
C ALA A 219 24.28 -3.08 4.75
N PRO A 220 23.62 -4.03 4.08
CA PRO A 220 24.15 -4.51 2.80
C PRO A 220 24.16 -3.41 1.74
N ARG A 221 25.14 -3.45 0.84
CA ARG A 221 25.16 -2.54 -0.29
C ARG A 221 24.09 -3.05 -1.28
N VAL A 222 23.49 -2.13 -2.04
CA VAL A 222 22.50 -2.50 -3.02
C VAL A 222 23.00 -2.16 -4.39
N ARG A 223 23.05 -3.14 -5.29
CA ARG A 223 23.43 -2.90 -6.67
C ARG A 223 22.13 -2.93 -7.46
N ILE A 224 21.99 -2.00 -8.39
CA ILE A 224 20.82 -1.94 -9.25
C ILE A 224 21.31 -2.18 -10.67
N ASN A 225 20.72 -3.15 -11.37
CA ASN A 225 21.08 -3.45 -12.76
C ASN A 225 19.82 -3.58 -13.64
N GLY A 226 20.00 -3.84 -14.93
CA GLY A 226 18.91 -3.99 -15.87
C GLY A 226 18.61 -2.68 -16.57
N HIS A 227 17.30 -2.39 -16.75
CA HIS A 227 16.88 -1.16 -17.40
C HIS A 227 16.93 0.03 -16.47
N VAL A 228 18.14 0.40 -16.02
CA VAL A 228 18.41 1.51 -15.12
C VAL A 228 18.06 2.87 -15.75
N ALA A 229 17.95 2.97 -17.08
CA ALA A 229 17.60 4.25 -17.73
C ALA A 229 16.10 4.39 -18.07
N ALA A 230 15.27 3.37 -17.74
CA ALA A 230 13.85 3.41 -18.07
C ALA A 230 13.13 4.61 -17.44
N ARG A 231 12.19 5.18 -18.21
CA ARG A 231 11.36 6.30 -17.79
C ARG A 231 10.02 6.16 -18.49
N PHE A 232 8.95 6.21 -17.71
CA PHE A 232 7.61 6.01 -18.22
C PHE A 232 6.57 6.62 -17.27
N PRO A 233 5.34 6.88 -17.74
CA PRO A 233 4.31 7.38 -16.83
C PRO A 233 3.97 6.32 -15.79
N PHE A 234 3.85 6.73 -14.53
CA PHE A 234 3.57 5.80 -13.44
C PHE A 234 3.13 6.52 -12.18
N ILE A 235 2.35 5.85 -11.33
CA ILE A 235 1.94 6.41 -10.04
C ILE A 235 2.91 5.88 -8.98
N PRO A 236 3.77 6.73 -8.39
CA PRO A 236 4.72 6.21 -7.38
C PRO A 236 4.15 5.64 -6.08
N MET A 237 3.01 6.15 -5.60
CA MET A 237 2.40 5.80 -4.30
C MET A 237 2.48 4.30 -3.91
N PRO A 238 2.00 3.31 -4.69
CA PRO A 238 2.14 1.91 -4.25
C PRO A 238 3.61 1.45 -4.14
N LEU A 239 4.50 1.94 -5.02
CA LEU A 239 5.93 1.61 -4.92
C LEU A 239 6.49 2.14 -3.57
N ASP A 240 5.99 3.30 -3.11
CA ASP A 240 6.37 3.90 -1.85
C ASP A 240 5.98 3.03 -0.66
N TYR A 241 5.01 2.12 -0.79
CA TYR A 241 4.74 1.19 0.31
C TYR A 241 5.54 -0.09 0.10
N ILE A 242 5.41 -0.71 -1.08
CA ILE A 242 6.00 -2.02 -1.33
C ILE A 242 7.51 -2.04 -1.20
N LEU A 243 8.22 -1.14 -1.90
CA LEU A 243 9.68 -1.15 -1.90
C LEU A 243 10.32 -1.13 -0.50
N PRO A 244 10.05 -0.17 0.42
CA PRO A 244 10.69 -0.24 1.74
C PRO A 244 10.35 -1.51 2.50
N GLU A 245 9.15 -2.07 2.28
CA GLU A 245 8.77 -3.29 2.92
C GLU A 245 9.65 -4.45 2.45
N LEU A 246 9.85 -4.58 1.13
CA LEU A 246 10.67 -5.68 0.61
C LEU A 246 12.17 -5.47 0.86
N LEU A 247 12.62 -4.19 0.94
CA LEU A 247 14.00 -3.85 1.22
C LEU A 247 14.36 -4.11 2.69
N LYS A 248 13.46 -3.76 3.62
CA LYS A 248 13.68 -4.02 5.04
C LYS A 248 13.80 -5.53 5.29
N ASN A 249 12.97 -6.35 4.62
CA ASN A 249 13.01 -7.80 4.73
C ASN A 249 14.34 -8.40 4.24
N ALA A 250 14.81 -7.99 3.05
CA ALA A 250 16.03 -8.48 2.46
C ALA A 250 17.24 -8.11 3.32
N MET A 251 17.29 -6.86 3.82
CA MET A 251 18.38 -6.37 4.67
C MET A 251 18.41 -7.06 6.04
N ARG A 252 17.26 -7.26 6.67
CA ARG A 252 17.20 -7.96 7.95
C ARG A 252 17.65 -9.40 7.79
N ALA A 253 17.14 -10.12 6.77
CA ALA A 253 17.54 -11.51 6.54
C ALA A 253 19.05 -11.61 6.30
N THR A 254 19.62 -10.63 5.57
CA THR A 254 21.04 -10.62 5.31
C THR A 254 21.81 -10.43 6.61
N MET A 255 21.41 -9.47 7.44
CA MET A 255 22.11 -9.19 8.71
C MET A 255 21.99 -10.34 9.69
N GLU A 256 20.77 -10.90 9.86
CA GLU A 256 20.52 -12.01 10.80
C GLU A 256 21.23 -13.30 10.44
N SER A 257 21.61 -13.47 9.17
CA SER A 257 22.31 -14.68 8.74
C SER A 257 23.82 -14.47 8.59
N HIS A 258 24.36 -13.32 9.02
CA HIS A 258 25.78 -13.01 8.94
C HIS A 258 26.20 -12.28 10.22
N LEU A 259 25.71 -12.74 11.40
CA LEU A 259 26.00 -12.10 12.68
C LEU A 259 27.48 -12.12 13.10
N ASP A 260 28.28 -13.07 12.59
CA ASP A 260 29.71 -13.14 12.89
C ASP A 260 30.52 -12.11 12.08
N THR A 261 30.02 -11.69 10.91
CA THR A 261 30.73 -10.73 10.07
C THR A 261 29.80 -9.59 9.64
N PRO A 262 29.23 -8.79 10.59
CA PRO A 262 28.31 -7.70 10.17
C PRO A 262 28.96 -6.62 9.31
N TYR A 263 30.29 -6.52 9.35
CA TYR A 263 31.11 -5.58 8.57
C TYR A 263 31.27 -6.00 7.09
N ASN A 264 30.88 -7.23 6.72
CA ASN A 264 31.06 -7.71 5.36
C ASN A 264 29.96 -8.69 5.06
N VAL A 265 28.85 -8.20 4.56
CA VAL A 265 27.70 -9.03 4.23
C VAL A 265 27.45 -8.97 2.71
N PRO A 266 26.84 -10.02 2.13
CA PRO A 266 26.57 -9.97 0.67
C PRO A 266 25.63 -8.84 0.26
N ASP A 267 25.84 -8.31 -0.94
CA ASP A 267 25.00 -7.27 -1.47
C ASP A 267 23.58 -7.78 -1.75
N VAL A 268 22.62 -6.87 -1.74
CA VAL A 268 21.27 -7.12 -2.17
C VAL A 268 21.28 -6.63 -3.62
N VAL A 269 20.86 -7.48 -4.56
CA VAL A 269 20.88 -7.14 -5.98
C VAL A 269 19.51 -6.94 -6.54
N ILE A 270 19.24 -5.75 -7.07
CA ILE A 270 17.96 -5.42 -7.67
C ILE A 270 18.04 -5.32 -9.19
N THR A 271 17.17 -6.05 -9.91
CA THR A 271 17.16 -5.99 -11.36
C THR A 271 15.82 -5.38 -11.80
N ILE A 272 15.88 -4.40 -12.72
CA ILE A 272 14.72 -3.74 -13.30
C ILE A 272 14.54 -4.25 -14.71
N ALA A 273 13.37 -4.78 -15.05
CA ALA A 273 13.08 -5.21 -16.41
C ALA A 273 11.86 -4.42 -16.83
N ASN A 274 11.98 -3.64 -17.88
CA ASN A 274 10.90 -2.82 -18.38
C ASN A 274 10.51 -3.28 -19.77
N ASN A 275 9.21 -3.46 -19.98
CA ASN A 275 8.70 -3.87 -21.29
C ASN A 275 7.33 -3.18 -21.52
N ASP A 276 6.65 -3.48 -22.63
CA ASP A 276 5.38 -2.84 -22.94
C ASP A 276 4.24 -3.22 -22.05
N VAL A 277 4.26 -4.43 -21.50
CA VAL A 277 3.17 -4.91 -20.66
C VAL A 277 3.36 -4.52 -19.20
N ASP A 278 4.52 -4.84 -18.60
CA ASP A 278 4.73 -4.56 -17.19
C ASP A 278 6.13 -4.07 -16.82
N LEU A 279 6.28 -3.59 -15.58
CA LEU A 279 7.56 -3.24 -14.98
C LEU A 279 7.84 -4.39 -14.01
N ILE A 280 9.02 -5.00 -14.08
CA ILE A 280 9.42 -6.05 -13.14
C ILE A 280 10.58 -5.59 -12.30
N ILE A 281 10.47 -5.72 -10.98
CA ILE A 281 11.58 -5.42 -10.08
C ILE A 281 11.87 -6.68 -9.30
N ARG A 282 13.05 -7.26 -9.47
CA ARG A 282 13.46 -8.43 -8.72
C ARG A 282 14.46 -8.01 -7.63
N ILE A 283 14.20 -8.34 -6.37
CA ILE A 283 15.10 -8.00 -5.27
C ILE A 283 15.66 -9.33 -4.78
N SER A 284 16.97 -9.55 -5.02
CA SER A 284 17.65 -10.80 -4.71
C SER A 284 18.61 -10.61 -3.58
N ASP A 285 18.49 -11.45 -2.57
CA ASP A 285 19.38 -11.36 -1.42
C ASP A 285 20.08 -12.71 -1.19
N ARG A 286 21.05 -12.70 -0.28
CA ARG A 286 21.76 -13.89 0.16
C ARG A 286 21.58 -14.02 1.68
N GLY A 287 20.35 -13.85 2.14
CA GLY A 287 20.06 -13.90 3.56
C GLY A 287 19.58 -15.23 4.11
N GLY A 288 19.92 -16.34 3.44
CA GLY A 288 19.57 -17.69 3.93
C GLY A 288 18.28 -18.33 3.45
N GLY A 289 17.39 -17.52 2.85
CA GLY A 289 16.12 -18.03 2.34
C GLY A 289 15.02 -18.13 3.38
N ILE A 290 13.83 -18.53 2.94
CA ILE A 290 12.67 -18.72 3.80
C ILE A 290 12.53 -20.22 3.93
N ALA A 291 12.60 -20.73 5.16
CA ALA A 291 12.57 -22.15 5.46
C ALA A 291 11.31 -22.84 4.98
N HIS A 292 11.42 -24.12 4.62
CA HIS A 292 10.28 -24.92 4.16
C HIS A 292 9.12 -24.91 5.15
N LYS A 293 9.41 -25.03 6.45
CA LYS A 293 8.36 -25.01 7.47
C LYS A 293 7.63 -23.64 7.60
N ASP A 294 8.27 -22.54 7.17
CA ASP A 294 7.69 -21.19 7.25
C ASP A 294 7.01 -20.74 5.97
N LEU A 295 7.39 -21.29 4.83
CA LEU A 295 6.95 -20.89 3.50
C LEU A 295 5.43 -20.77 3.30
N ASP A 296 4.69 -21.67 3.91
CA ASP A 296 3.23 -21.69 3.85
C ASP A 296 2.55 -20.67 4.83
N ARG A 297 3.34 -19.89 5.58
CA ARG A 297 2.81 -18.93 6.53
C ARG A 297 3.32 -17.52 6.31
N VAL A 298 4.43 -17.32 5.55
CA VAL A 298 4.98 -15.96 5.37
C VAL A 298 3.96 -15.00 4.74
N MET A 299 3.03 -15.51 3.93
CA MET A 299 2.02 -14.65 3.30
C MET A 299 0.78 -14.41 4.18
N ASP A 300 0.79 -14.87 5.43
CA ASP A 300 -0.29 -14.65 6.37
C ASP A 300 -0.04 -13.35 7.09
N TYR A 301 -1.10 -12.58 7.36
CA TYR A 301 -0.96 -11.38 8.18
C TYR A 301 -0.60 -11.80 9.60
N HIS A 302 0.24 -11.02 10.27
CA HIS A 302 0.70 -11.26 11.65
C HIS A 302 1.83 -12.32 11.74
N PHE A 303 2.11 -13.09 10.66
CA PHE A 303 3.20 -14.06 10.75
C PHE A 303 4.58 -13.39 10.66
N THR A 304 5.41 -13.62 11.68
CA THR A 304 6.77 -13.08 11.67
C THR A 304 7.71 -14.04 12.41
N THR A 305 8.97 -14.09 12.01
CA THR A 305 9.97 -14.88 12.74
C THR A 305 10.78 -13.98 13.70
N ALA A 306 10.42 -12.69 13.84
CA ALA A 306 11.10 -11.78 14.74
C ALA A 306 10.56 -12.03 16.14
N GLY A 335 8.54 -7.32 13.38
CA GLY A 335 7.62 -8.02 14.28
C GLY A 335 6.14 -7.83 13.99
N PHE A 336 5.82 -7.00 13.02
CA PHE A 336 4.46 -6.70 12.65
C PHE A 336 3.84 -7.83 11.79
N GLY A 337 4.62 -8.39 10.87
CA GLY A 337 4.12 -9.44 9.99
C GLY A 337 3.11 -9.01 8.94
N PHE A 338 3.19 -7.77 8.47
CA PHE A 338 2.27 -7.23 7.47
C PHE A 338 2.91 -6.93 6.10
N GLY A 339 4.22 -6.79 6.03
CA GLY A 339 4.91 -6.39 4.82
C GLY A 339 4.66 -7.22 3.59
N LEU A 340 4.77 -8.55 3.71
CA LEU A 340 4.53 -9.47 2.60
C LEU A 340 3.04 -9.56 2.19
N PRO A 341 2.09 -9.90 3.09
CA PRO A 341 0.67 -9.98 2.65
C PRO A 341 0.13 -8.65 2.14
N THR A 342 0.52 -7.51 2.73
CA THR A 342 0.06 -6.20 2.25
C THR A 342 0.66 -5.89 0.87
N SER A 343 1.98 -6.11 0.69
CA SER A 343 2.62 -5.88 -0.62
C SER A 343 1.95 -6.68 -1.73
N ARG A 344 1.62 -7.96 -1.47
CA ARG A 344 0.99 -8.79 -2.47
C ARG A 344 -0.45 -8.34 -2.77
N ALA A 345 -1.23 -7.97 -1.72
CA ALA A 345 -2.57 -7.46 -1.93
C ALA A 345 -2.53 -6.16 -2.76
N TYR A 346 -1.62 -5.23 -2.43
CA TYR A 346 -1.47 -4.00 -3.21
C TYR A 346 -1.15 -4.25 -4.67
N ALA A 347 -0.15 -5.11 -4.94
CA ALA A 347 0.28 -5.45 -6.29
C ALA A 347 -0.86 -6.10 -7.10
N GLU A 348 -1.57 -7.07 -6.51
CA GLU A 348 -2.68 -7.72 -7.22
C GLU A 348 -3.84 -6.76 -7.47
N TYR A 349 -4.09 -5.84 -6.54
CA TYR A 349 -5.14 -4.85 -6.67
C TYR A 349 -4.89 -3.96 -7.91
N LEU A 350 -3.62 -3.64 -8.19
CA LEU A 350 -3.25 -2.82 -9.34
C LEU A 350 -2.98 -3.61 -10.63
N GLY A 351 -3.32 -4.90 -10.67
CA GLY A 351 -3.12 -5.70 -11.86
C GLY A 351 -1.79 -6.40 -11.99
N GLY A 352 -0.97 -6.36 -10.94
CA GLY A 352 0.32 -7.02 -10.94
C GLY A 352 0.37 -8.22 -10.03
N SER A 353 1.56 -8.50 -9.45
CA SER A 353 1.76 -9.65 -8.58
C SER A 353 3.04 -9.57 -7.75
N LEU A 354 3.12 -10.37 -6.68
CA LEU A 354 4.32 -10.45 -5.86
C LEU A 354 4.56 -11.94 -5.71
N GLN A 355 5.71 -12.43 -6.21
CA GLN A 355 6.06 -13.83 -6.18
C GLN A 355 7.37 -14.05 -5.49
N LEU A 356 7.47 -15.11 -4.72
CA LEU A 356 8.65 -15.41 -3.94
C LEU A 356 9.32 -16.69 -4.41
N GLN A 357 10.65 -16.67 -4.55
CA GLN A 357 11.43 -17.85 -4.85
C GLN A 357 12.46 -18.01 -3.74
N SER A 358 12.31 -19.07 -2.96
CA SER A 358 13.22 -19.33 -1.85
C SER A 358 14.26 -20.37 -2.19
N LEU A 359 15.54 -20.09 -1.86
CA LEU A 359 16.65 -21.00 -2.06
C LEU A 359 17.19 -21.24 -0.68
N GLN A 360 16.58 -22.18 0.06
CA GLN A 360 16.94 -22.44 1.45
C GLN A 360 18.41 -22.77 1.62
N GLY A 361 19.05 -22.03 2.52
CA GLY A 361 20.49 -22.15 2.74
C GLY A 361 21.26 -21.04 2.03
N ILE A 362 20.65 -20.39 0.99
CA ILE A 362 21.32 -19.34 0.23
C ILE A 362 20.65 -17.95 0.33
N GLY A 363 19.40 -17.82 -0.12
CA GLY A 363 18.74 -16.54 -0.15
C GLY A 363 17.39 -16.57 -0.82
N THR A 364 16.82 -15.39 -1.08
CA THR A 364 15.48 -15.29 -1.64
C THR A 364 15.44 -14.29 -2.79
N ASP A 365 14.66 -14.60 -3.83
CA ASP A 365 14.38 -13.68 -4.93
C ASP A 365 12.93 -13.26 -4.79
N VAL A 366 12.67 -11.95 -4.74
CA VAL A 366 11.31 -11.47 -4.66
C VAL A 366 11.02 -10.76 -5.97
N TYR A 367 9.89 -11.11 -6.63
CA TYR A 367 9.56 -10.50 -7.92
C TYR A 367 8.31 -9.64 -7.80
N LEU A 368 8.48 -8.33 -8.00
CA LEU A 368 7.41 -7.37 -8.00
C LEU A 368 7.06 -7.03 -9.44
N ARG A 369 5.81 -7.25 -9.85
CA ARG A 369 5.38 -6.92 -11.21
C ARG A 369 4.21 -5.98 -11.12
N LEU A 370 4.30 -4.86 -11.85
CA LEU A 370 3.23 -3.88 -11.89
C LEU A 370 2.93 -3.52 -13.33
N ARG A 371 1.66 -3.43 -13.67
CA ARG A 371 1.25 -3.10 -15.03
C ARG A 371 1.55 -1.65 -15.40
N HIS A 372 1.76 -1.41 -16.69
CA HIS A 372 1.97 -0.06 -17.18
C HIS A 372 0.62 0.64 -17.38
N ILE A 373 0.64 1.97 -17.54
CA ILE A 373 -0.56 2.75 -17.81
C ILE A 373 -0.74 2.75 -19.33
N ASP A 374 -1.79 2.08 -19.85
CA ASP A 374 -2.12 1.91 -21.28
C ASP A 374 -1.71 3.12 -22.17
#